data_6V7V
#
_entry.id   6V7V
#
_cell.length_a   114.730
_cell.length_b   66.120
_cell.length_c   73.210
_cell.angle_alpha   90.00
_cell.angle_beta   90.03
_cell.angle_gamma   90.00
#
_symmetry.space_group_name_H-M   'C 1 2 1'
#
loop_
_entity.id
_entity.type
_entity.pdbx_description
1 polymer 'Quorum sensing anti-activator Aqs1'
2 water water
#
_entity_poly.entity_id   1
_entity_poly.type   'polypeptide(L)'
_entity_poly.pdbx_seq_one_letter_code
;MTNTDLKPLLDNLRNATEFWNLVAAASATDESTVHNRSYRDALDWLESAALALGDALIAQRKAVGGDHE
;
_entity_poly.pdbx_strand_id   A,B,C,D,E,F
#
# COMPACT_ATOMS: atom_id res chain seq x y z
N THR A 2 -10.46 17.26 -19.29
CA THR A 2 -11.09 17.89 -20.45
C THR A 2 -12.63 17.81 -20.34
N ASN A 3 -13.24 18.90 -19.84
CA ASN A 3 -14.62 18.83 -19.39
C ASN A 3 -15.62 18.69 -20.54
N THR A 4 -15.26 19.17 -21.73
CA THR A 4 -16.16 19.02 -22.88
C THR A 4 -16.23 17.55 -23.33
N ASP A 5 -15.09 16.84 -23.30
CA ASP A 5 -15.09 15.42 -23.62
C ASP A 5 -15.81 14.61 -22.55
N LEU A 6 -15.72 15.04 -21.30
CA LEU A 6 -16.22 14.26 -20.18
C LEU A 6 -17.69 14.49 -19.88
N LYS A 7 -18.17 15.71 -20.14
CA LYS A 7 -19.54 16.08 -19.76
C LYS A 7 -20.60 15.08 -20.23
N PRO A 8 -20.63 14.63 -21.49
CA PRO A 8 -21.63 13.61 -21.87
C PRO A 8 -21.42 12.26 -21.18
N LEU A 9 -20.18 11.90 -20.85
CA LEU A 9 -19.97 10.66 -20.12
C LEU A 9 -20.39 10.80 -18.66
N LEU A 10 -20.13 11.95 -18.05
CA LEU A 10 -20.55 12.16 -16.68
C LEU A 10 -22.07 12.26 -16.56
N ASP A 11 -22.71 13.00 -17.48
CA ASP A 11 -24.17 13.09 -17.51
C ASP A 11 -24.80 11.71 -17.62
N ASN A 12 -24.25 10.86 -18.50
CA ASN A 12 -24.79 9.52 -18.67
C ASN A 12 -24.66 8.70 -17.39
N LEU A 13 -23.52 8.83 -16.69
CA LEU A 13 -23.33 8.08 -15.45
C LEU A 13 -24.22 8.63 -14.35
N ARG A 14 -24.32 9.95 -14.25
CA ARG A 14 -25.23 10.55 -13.28
C ARG A 14 -26.66 10.05 -13.48
N ASN A 15 -27.14 10.04 -14.73
CA ASN A 15 -28.52 9.64 -14.98
C ASN A 15 -28.73 8.15 -14.69
N ALA A 16 -27.81 7.29 -15.13
CA ALA A 16 -27.88 5.88 -14.76
C ALA A 16 -27.91 5.71 -13.24
N THR A 17 -27.22 6.56 -12.50
CA THR A 17 -27.25 6.43 -11.04
C THR A 17 -28.59 6.89 -10.48
N GLU A 18 -29.14 7.97 -11.02
CA GLU A 18 -30.45 8.40 -10.57
C GLU A 18 -31.50 7.34 -10.88
N PHE A 19 -31.38 6.67 -12.02
CA PHE A 19 -32.30 5.59 -12.34
C PHE A 19 -32.12 4.43 -11.36
N TRP A 20 -30.87 4.01 -11.15
CA TRP A 20 -30.55 2.99 -10.17
C TRP A 20 -31.11 3.33 -8.79
N ASN A 21 -30.96 4.59 -8.37
CA ASN A 21 -31.53 4.99 -7.09
C ASN A 21 -33.04 4.91 -7.10
N LEU A 22 -33.66 5.17 -8.24
CA LEU A 22 -35.10 5.02 -8.37
C LEU A 22 -35.51 3.56 -8.30
N VAL A 23 -34.81 2.69 -9.04
CA VAL A 23 -35.11 1.26 -8.97
C VAL A 23 -35.00 0.78 -7.51
N ALA A 24 -34.00 1.29 -6.77
CA ALA A 24 -33.84 0.91 -5.38
C ALA A 24 -35.01 1.37 -4.52
N ALA A 25 -35.41 2.64 -4.68
CA ALA A 25 -36.58 3.12 -3.94
C ALA A 25 -37.83 2.35 -4.32
N ALA A 26 -37.96 1.92 -5.57
CA ALA A 26 -39.16 1.19 -6.00
C ALA A 26 -39.19 -0.24 -5.49
N SER A 27 -38.03 -0.84 -5.16
CA SER A 27 -37.98 -2.23 -4.76
C SER A 27 -38.65 -2.48 -3.42
N ALA A 28 -38.92 -1.44 -2.63
CA ALA A 28 -39.66 -1.61 -1.40
C ALA A 28 -41.11 -2.02 -1.61
N THR A 29 -41.65 -1.78 -2.81
CA THR A 29 -43.04 -2.08 -3.14
C THR A 29 -43.23 -2.84 -4.45
N ASP A 30 -42.19 -2.92 -5.30
CA ASP A 30 -42.27 -3.68 -6.55
C ASP A 30 -42.48 -5.17 -6.29
N GLU A 31 -43.27 -5.81 -7.14
CA GLU A 31 -43.27 -7.26 -7.21
C GLU A 31 -41.89 -7.76 -7.64
N SER A 32 -41.52 -8.95 -7.17
CA SER A 32 -40.16 -9.42 -7.40
C SER A 32 -39.85 -9.61 -8.88
N THR A 33 -40.86 -9.92 -9.70
CA THR A 33 -40.63 -10.02 -11.13
C THR A 33 -40.31 -8.66 -11.73
N VAL A 34 -41.04 -7.63 -11.31
CA VAL A 34 -40.75 -6.26 -11.75
C VAL A 34 -39.38 -5.83 -11.25
N HIS A 35 -39.02 -6.19 -10.02
CA HIS A 35 -37.75 -5.73 -9.48
C HIS A 35 -36.56 -6.35 -10.22
N ASN A 36 -36.57 -7.67 -10.44
CA ASN A 36 -35.45 -8.30 -11.14
C ASN A 36 -35.22 -7.67 -12.49
N ARG A 37 -36.31 -7.39 -13.24
CA ARG A 37 -36.16 -6.79 -14.56
C ARG A 37 -35.58 -5.39 -14.45
N SER A 38 -36.17 -4.53 -13.62
CA SER A 38 -35.66 -3.16 -13.46
C SER A 38 -34.20 -3.17 -12.98
N TYR A 39 -33.88 -3.98 -11.96
CA TYR A 39 -32.52 -4.03 -11.41
C TYR A 39 -31.51 -4.50 -12.45
N ARG A 40 -31.83 -5.57 -13.21
CA ARG A 40 -30.96 -5.98 -14.30
C ARG A 40 -30.73 -4.85 -15.29
N ASP A 41 -31.80 -4.12 -15.62
CA ASP A 41 -31.68 -3.02 -16.56
C ASP A 41 -30.87 -1.88 -15.96
N ALA A 42 -31.08 -1.58 -14.67
CA ALA A 42 -30.32 -0.53 -14.00
C ALA A 42 -28.85 -0.93 -13.84
N LEU A 43 -28.58 -2.21 -13.60
CA LEU A 43 -27.19 -2.65 -13.52
C LEU A 43 -26.52 -2.56 -14.87
N ASP A 44 -27.23 -2.91 -15.95
CA ASP A 44 -26.56 -2.90 -17.24
C ASP A 44 -26.26 -1.48 -17.70
N TRP A 45 -27.08 -0.51 -17.31
CA TRP A 45 -26.82 0.89 -17.66
C TRP A 45 -25.73 1.49 -16.79
N LEU A 46 -25.75 1.20 -15.49
CA LEU A 46 -24.63 1.56 -14.62
C LEU A 46 -23.30 1.06 -15.19
N GLU A 47 -23.24 -0.21 -15.59
CA GLU A 47 -21.98 -0.78 -16.08
C GLU A 47 -21.54 -0.11 -17.37
N SER A 48 -22.42 -0.04 -18.37
CA SER A 48 -21.98 0.50 -19.65
C SER A 48 -21.64 1.98 -19.54
N ALA A 49 -22.32 2.71 -18.67
CA ALA A 49 -21.96 4.10 -18.43
C ALA A 49 -20.62 4.21 -17.70
N ALA A 50 -20.42 3.40 -16.64
CA ALA A 50 -19.14 3.41 -15.94
C ALA A 50 -17.99 3.07 -16.87
N LEU A 51 -18.16 2.02 -17.67
CA LEU A 51 -17.08 1.56 -18.53
C LEU A 51 -16.80 2.55 -19.66
N ALA A 52 -17.82 3.21 -20.21
CA ALA A 52 -17.58 4.16 -21.30
C ALA A 52 -16.78 5.36 -20.82
N LEU A 53 -17.10 5.88 -19.64
CA LEU A 53 -16.28 6.94 -19.05
C LEU A 53 -14.90 6.42 -18.65
N GLY A 54 -14.84 5.22 -18.08
CA GLY A 54 -13.56 4.65 -17.68
C GLY A 54 -12.65 4.38 -18.86
N ASP A 55 -13.20 3.85 -19.96
CA ASP A 55 -12.39 3.65 -21.15
C ASP A 55 -11.88 4.98 -21.71
N ALA A 56 -12.69 6.04 -21.61
CA ALA A 56 -12.23 7.34 -22.07
C ALA A 56 -11.14 7.92 -21.18
N LEU A 57 -11.19 7.67 -19.87
CA LEU A 57 -10.11 8.10 -18.98
C LEU A 57 -8.84 7.31 -19.25
N ILE A 58 -8.97 6.01 -19.56
CA ILE A 58 -7.79 5.21 -19.91
C ILE A 58 -7.17 5.73 -21.20
N ALA A 59 -8.02 5.99 -22.21
CA ALA A 59 -7.53 6.48 -23.49
C ALA A 59 -6.91 7.87 -23.37
N GLN A 60 -7.46 8.73 -22.51
CA GLN A 60 -6.86 10.06 -22.32
C GLN A 60 -5.62 10.02 -21.44
N ARG A 61 -5.52 9.08 -20.50
CA ARG A 61 -4.27 8.95 -19.74
C ARG A 61 -3.13 8.55 -20.66
N LYS A 62 -3.42 7.74 -21.69
CA LYS A 62 -2.42 7.40 -22.68
C LYS A 62 -1.84 8.64 -23.37
N ALA A 63 -2.58 9.76 -23.37
CA ALA A 63 -2.19 11.02 -24.01
C ALA A 63 -1.60 10.79 -25.40
N MET B 1 -18.78 18.45 -11.34
CA MET B 1 -18.47 19.36 -10.24
C MET B 1 -17.09 20.00 -10.39
N THR B 2 -16.16 19.67 -9.50
CA THR B 2 -14.85 20.31 -9.42
C THR B 2 -13.75 19.33 -9.84
N ASN B 3 -12.73 19.87 -10.52
CA ASN B 3 -11.60 19.05 -10.96
C ASN B 3 -10.94 18.32 -9.79
N THR B 4 -10.83 18.98 -8.64
CA THR B 4 -10.22 18.36 -7.48
C THR B 4 -11.16 17.36 -6.80
N ASP B 5 -12.47 17.59 -6.86
CA ASP B 5 -13.42 16.63 -6.32
C ASP B 5 -13.48 15.37 -7.17
N LEU B 6 -13.55 15.56 -8.50
CA LEU B 6 -13.60 14.44 -9.43
C LEU B 6 -12.42 13.50 -9.23
N LYS B 7 -11.19 14.05 -9.17
CA LYS B 7 -9.96 13.33 -9.48
C LYS B 7 -9.91 11.96 -8.80
N PRO B 8 -9.99 11.89 -7.46
CA PRO B 8 -9.94 10.55 -6.83
C PRO B 8 -11.06 9.65 -7.26
N LEU B 9 -12.26 10.20 -7.53
CA LEU B 9 -13.39 9.39 -7.96
C LEU B 9 -13.23 8.92 -9.41
N LEU B 10 -12.65 9.75 -10.27
CA LEU B 10 -12.34 9.29 -11.62
C LEU B 10 -11.23 8.25 -11.60
N ASP B 11 -10.20 8.47 -10.78
CA ASP B 11 -9.10 7.51 -10.68
C ASP B 11 -9.61 6.13 -10.27
N ASN B 12 -10.45 6.06 -9.26
CA ASN B 12 -10.99 4.76 -8.85
C ASN B 12 -11.77 4.09 -9.98
N LEU B 13 -12.54 4.88 -10.74
CA LEU B 13 -13.34 4.30 -11.81
C LEU B 13 -12.48 3.84 -12.97
N ARG B 14 -11.40 4.58 -13.25
CA ARG B 14 -10.48 4.16 -14.30
C ARG B 14 -9.75 2.88 -13.91
N ASN B 15 -9.29 2.77 -12.66
CA ASN B 15 -8.65 1.53 -12.21
C ASN B 15 -9.63 0.37 -12.26
N ALA B 16 -10.86 0.59 -11.78
CA ALA B 16 -11.89 -0.43 -11.85
C ALA B 16 -12.19 -0.85 -13.28
N THR B 17 -12.20 0.11 -14.21
CA THR B 17 -12.43 -0.22 -15.62
C THR B 17 -11.26 -1.01 -16.20
N GLU B 18 -10.03 -0.62 -15.85
CA GLU B 18 -8.86 -1.32 -16.40
C GLU B 18 -8.81 -2.75 -15.89
N PHE B 19 -9.19 -2.95 -14.62
CA PHE B 19 -9.26 -4.27 -13.99
C PHE B 19 -10.32 -5.13 -14.67
N TRP B 20 -11.54 -4.61 -14.72
CA TRP B 20 -12.66 -5.29 -15.40
C TRP B 20 -12.30 -5.66 -16.82
N ASN B 21 -11.68 -4.74 -17.57
CA ASN B 21 -11.27 -5.06 -18.94
C ASN B 21 -10.26 -6.21 -18.97
N LEU B 22 -9.36 -6.29 -17.98
CA LEU B 22 -8.36 -7.35 -18.02
C LEU B 22 -8.99 -8.68 -17.64
N VAL B 23 -9.86 -8.68 -16.62
CA VAL B 23 -10.62 -9.89 -16.30
C VAL B 23 -11.40 -10.35 -17.54
N ALA B 24 -11.97 -9.42 -18.30
CA ALA B 24 -12.70 -9.83 -19.49
C ALA B 24 -11.77 -10.39 -20.57
N ALA B 25 -10.60 -9.78 -20.75
CA ALA B 25 -9.70 -10.19 -21.83
C ALA B 25 -9.05 -11.54 -21.58
N ALA B 26 -9.08 -12.04 -20.34
CA ALA B 26 -8.44 -13.32 -20.03
C ALA B 26 -9.37 -14.51 -20.26
N SER B 27 -10.69 -14.33 -20.06
CA SER B 27 -11.62 -15.42 -20.33
C SER B 27 -11.86 -15.61 -21.82
N ALA B 28 -11.68 -14.57 -22.60
CA ALA B 28 -11.82 -14.65 -24.05
C ALA B 28 -10.62 -15.35 -24.68
N HIS B 35 -17.65 -17.25 -10.72
CA HIS B 35 -16.46 -17.09 -11.53
C HIS B 35 -15.23 -16.90 -10.64
N ASN B 36 -14.19 -16.29 -11.21
CA ASN B 36 -12.98 -16.01 -10.43
C ASN B 36 -13.30 -15.09 -9.25
N ARG B 37 -12.51 -15.24 -8.17
CA ARG B 37 -12.56 -14.24 -7.11
C ARG B 37 -12.13 -12.88 -7.63
N SER B 38 -11.21 -12.87 -8.60
CA SER B 38 -10.80 -11.62 -9.25
C SER B 38 -11.94 -11.06 -10.08
N TYR B 39 -12.70 -11.92 -10.77
CA TYR B 39 -13.84 -11.43 -11.54
C TYR B 39 -14.85 -10.75 -10.61
N ARG B 40 -15.17 -11.38 -9.50
CA ARG B 40 -16.18 -10.81 -8.61
C ARG B 40 -15.68 -9.53 -7.94
N ASP B 41 -14.40 -9.49 -7.54
CA ASP B 41 -13.85 -8.26 -6.98
C ASP B 41 -13.80 -7.15 -8.02
N ALA B 42 -13.49 -7.50 -9.28
CA ALA B 42 -13.52 -6.48 -10.33
C ALA B 42 -14.93 -5.95 -10.56
N LEU B 43 -15.93 -6.83 -10.57
CA LEU B 43 -17.31 -6.38 -10.76
C LEU B 43 -17.77 -5.51 -9.59
N ASP B 44 -17.47 -5.94 -8.35
CA ASP B 44 -17.83 -5.17 -7.17
C ASP B 44 -17.13 -3.82 -7.14
N TRP B 45 -15.84 -3.78 -7.52
CA TRP B 45 -15.12 -2.52 -7.55
C TRP B 45 -15.67 -1.61 -8.65
N LEU B 46 -16.02 -2.18 -9.78
CA LEU B 46 -16.62 -1.38 -10.85
C LEU B 46 -17.96 -0.79 -10.39
N GLU B 47 -18.83 -1.62 -9.82
CA GLU B 47 -20.12 -1.09 -9.35
C GLU B 47 -19.90 -0.04 -8.26
N SER B 48 -18.98 -0.29 -7.35
CA SER B 48 -18.80 0.62 -6.22
C SER B 48 -18.21 1.96 -6.67
N ALA B 49 -17.28 1.94 -7.64
CA ALA B 49 -16.72 3.19 -8.14
C ALA B 49 -17.72 3.94 -9.04
N ALA B 50 -18.52 3.20 -9.81
CA ALA B 50 -19.55 3.85 -10.61
C ALA B 50 -20.54 4.57 -9.71
N LEU B 51 -21.03 3.88 -8.69
CA LEU B 51 -22.03 4.47 -7.80
C LEU B 51 -21.46 5.64 -7.01
N ALA B 52 -20.19 5.54 -6.58
CA ALA B 52 -19.63 6.62 -5.78
C ALA B 52 -19.50 7.89 -6.62
N LEU B 53 -19.09 7.76 -7.87
CA LEU B 53 -18.97 8.93 -8.71
C LEU B 53 -20.35 9.43 -9.13
N GLY B 54 -21.29 8.52 -9.43
CA GLY B 54 -22.65 8.93 -9.76
C GLY B 54 -23.34 9.66 -8.62
N ASP B 55 -23.30 9.07 -7.41
CA ASP B 55 -23.87 9.73 -6.24
C ASP B 55 -23.18 11.06 -5.95
N ALA B 56 -21.88 11.19 -6.25
CA ALA B 56 -21.21 12.47 -6.02
C ALA B 56 -21.68 13.51 -7.05
N LEU B 57 -21.88 13.09 -8.30
CA LEU B 57 -22.41 14.00 -9.31
C LEU B 57 -23.83 14.46 -8.95
N ILE B 58 -24.65 13.54 -8.43
CA ILE B 58 -26.01 13.89 -8.02
C ILE B 58 -25.99 14.91 -6.90
N ALA B 59 -25.15 14.67 -5.89
CA ALA B 59 -25.13 15.51 -4.70
C ALA B 59 -24.63 16.91 -4.98
N GLN B 60 -23.69 17.07 -5.91
CA GLN B 60 -23.15 18.40 -6.17
C GLN B 60 -24.12 19.26 -6.97
N ARG B 61 -24.97 18.66 -7.82
CA ARG B 61 -26.07 19.39 -8.42
C ARG B 61 -27.21 19.49 -7.41
N LYS B 62 -26.92 20.19 -6.31
CA LYS B 62 -27.80 20.47 -5.18
C LYS B 62 -28.79 19.35 -4.86
N MET C 1 -5.65 0.89 13.00
CA MET C 1 -6.66 1.83 13.47
C MET C 1 -8.03 1.21 13.60
N THR C 2 -9.06 2.06 13.60
CA THR C 2 -10.43 1.59 13.48
C THR C 2 -10.64 0.95 12.10
N ASN C 3 -11.64 0.08 12.02
CA ASN C 3 -11.85 -0.76 10.84
C ASN C 3 -12.60 -0.05 9.73
N THR C 4 -13.62 0.74 10.07
CA THR C 4 -14.35 1.49 9.05
C THR C 4 -13.43 2.50 8.36
N ASP C 5 -12.42 2.98 9.07
CA ASP C 5 -11.39 3.81 8.43
C ASP C 5 -10.53 2.97 7.48
N LEU C 6 -10.18 1.76 7.90
CA LEU C 6 -9.18 0.98 7.19
C LEU C 6 -9.76 0.22 6.00
N LYS C 7 -11.01 -0.22 6.10
CA LYS C 7 -11.55 -1.12 5.08
C LYS C 7 -11.48 -0.54 3.66
N PRO C 8 -11.89 0.70 3.40
CA PRO C 8 -11.70 1.24 2.04
C PRO C 8 -10.26 1.26 1.57
N LEU C 9 -9.31 1.56 2.45
CA LEU C 9 -7.92 1.55 2.02
C LEU C 9 -7.43 0.13 1.77
N LEU C 10 -7.84 -0.82 2.62
CA LEU C 10 -7.41 -2.21 2.45
C LEU C 10 -8.00 -2.82 1.18
N ASP C 11 -9.32 -2.70 0.99
CA ASP C 11 -9.97 -3.18 -0.24
C ASP C 11 -9.32 -2.62 -1.48
N ASN C 12 -8.99 -1.33 -1.45
CA ASN C 12 -8.33 -0.69 -2.59
C ASN C 12 -6.94 -1.29 -2.84
N LEU C 13 -6.22 -1.66 -1.78
CA LEU C 13 -4.92 -2.28 -1.97
C LEU C 13 -5.07 -3.74 -2.39
N ARG C 14 -6.05 -4.44 -1.83
CA ARG C 14 -6.36 -5.78 -2.32
C ARG C 14 -6.62 -5.77 -3.83
N ASN C 15 -7.48 -4.86 -4.30
CA ASN C 15 -7.86 -4.89 -5.70
C ASN C 15 -6.69 -4.52 -6.59
N ALA C 16 -5.90 -3.50 -6.21
CA ALA C 16 -4.68 -3.19 -6.96
C ALA C 16 -3.73 -4.39 -7.03
N THR C 17 -3.70 -5.22 -5.99
CA THR C 17 -2.82 -6.39 -6.04
C THR C 17 -3.42 -7.48 -6.93
N GLU C 18 -4.73 -7.67 -6.89
CA GLU C 18 -5.35 -8.64 -7.78
C GLU C 18 -5.15 -8.25 -9.24
N PHE C 19 -5.20 -6.95 -9.53
CA PHE C 19 -4.93 -6.45 -10.87
C PHE C 19 -3.47 -6.67 -11.25
N TRP C 20 -2.56 -6.29 -10.34
CA TRP C 20 -1.14 -6.54 -10.53
C TRP C 20 -0.88 -8.02 -10.81
N ASN C 21 -1.49 -8.90 -10.01
CA ASN C 21 -1.33 -10.33 -10.24
C ASN C 21 -1.89 -10.75 -11.59
N LEU C 22 -3.04 -10.18 -11.98
CA LEU C 22 -3.60 -10.45 -13.29
C LEU C 22 -2.66 -9.99 -14.39
N VAL C 23 -2.10 -8.79 -14.25
CA VAL C 23 -1.14 -8.32 -15.24
C VAL C 23 0.06 -9.26 -15.33
N ALA C 24 0.45 -9.90 -14.22
CA ALA C 24 1.57 -10.83 -14.25
C ALA C 24 1.22 -12.10 -15.02
N ALA C 25 0.05 -12.68 -14.75
CA ALA C 25 -0.38 -13.84 -15.52
C ALA C 25 -0.53 -13.51 -17.00
N ALA C 26 -1.03 -12.32 -17.31
CA ALA C 26 -1.23 -11.94 -18.70
C ALA C 26 0.08 -11.75 -19.44
N SER C 27 1.16 -11.51 -18.71
CA SER C 27 2.42 -11.15 -19.34
C SER C 27 3.14 -12.33 -19.98
N ALA C 28 2.64 -13.54 -19.78
CA ALA C 28 3.22 -14.70 -20.43
C ALA C 28 2.83 -14.80 -21.91
N THR C 29 1.78 -14.10 -22.32
CA THR C 29 1.27 -14.12 -23.69
C THR C 29 1.05 -12.72 -24.28
N ASP C 30 1.00 -11.68 -23.46
CA ASP C 30 0.89 -10.30 -23.95
C ASP C 30 2.07 -9.94 -24.85
N GLU C 31 1.78 -9.20 -25.91
CA GLU C 31 2.84 -8.51 -26.63
C GLU C 31 3.49 -7.48 -25.73
N SER C 32 4.78 -7.21 -25.96
CA SER C 32 5.55 -6.42 -25.01
C SER C 32 4.97 -5.03 -24.84
N THR C 33 4.43 -4.45 -25.91
CA THR C 33 3.87 -3.11 -25.81
C THR C 33 2.62 -3.08 -24.93
N VAL C 34 1.83 -4.15 -24.95
CA VAL C 34 0.69 -4.23 -24.04
C VAL C 34 1.17 -4.45 -22.61
N HIS C 35 2.24 -5.21 -22.43
CA HIS C 35 2.71 -5.47 -21.07
C HIS C 35 3.27 -4.20 -20.43
N ASN C 36 4.11 -3.45 -21.15
CA ASN C 36 4.70 -2.25 -20.55
C ASN C 36 3.62 -1.29 -20.07
N ARG C 37 2.53 -1.16 -20.83
CA ARG C 37 1.47 -0.24 -20.43
C ARG C 37 0.66 -0.77 -19.24
N SER C 38 0.24 -2.04 -19.29
CA SER C 38 -0.48 -2.59 -18.15
C SER C 38 0.39 -2.60 -16.89
N TYR C 39 1.65 -3.01 -17.01
CA TYR C 39 2.55 -3.01 -15.85
C TYR C 39 2.72 -1.62 -15.28
N ARG C 40 2.94 -0.62 -16.14
CA ARG C 40 3.05 0.75 -15.66
C ARG C 40 1.79 1.19 -14.94
N ASP C 41 0.61 0.83 -15.47
CA ASP C 41 -0.64 1.13 -14.78
C ASP C 41 -0.78 0.32 -13.50
N ALA C 42 -0.38 -0.95 -13.52
CA ALA C 42 -0.47 -1.75 -12.31
C ALA C 42 0.43 -1.19 -11.23
N LEU C 43 1.67 -0.82 -11.59
CA LEU C 43 2.59 -0.25 -10.62
C LEU C 43 2.06 1.07 -10.07
N ASP C 44 1.46 1.91 -10.92
CA ASP C 44 0.97 3.19 -10.42
C ASP C 44 -0.19 3.01 -9.46
N TRP C 45 -1.04 2.02 -9.70
CA TRP C 45 -2.14 1.75 -8.78
C TRP C 45 -1.62 1.12 -7.48
N LEU C 46 -0.70 0.16 -7.60
CA LEU C 46 -0.07 -0.41 -6.43
C LEU C 46 0.49 0.67 -5.52
N GLU C 47 1.30 1.59 -6.08
CA GLU C 47 1.90 2.67 -5.29
C GLU C 47 0.84 3.58 -4.67
N SER C 48 -0.13 4.02 -5.47
CA SER C 48 -1.20 4.85 -4.95
C SER C 48 -1.87 4.22 -3.75
N ALA C 49 -2.36 2.99 -3.92
CA ALA C 49 -3.11 2.33 -2.87
C ALA C 49 -2.24 2.13 -1.64
N ALA C 50 -0.96 1.82 -1.86
CA ALA C 50 -0.05 1.56 -0.74
C ALA C 50 0.23 2.83 0.02
N LEU C 51 0.53 3.93 -0.70
CA LEU C 51 0.86 5.18 -0.02
C LEU C 51 -0.35 5.75 0.69
N ALA C 52 -1.54 5.60 0.12
CA ALA C 52 -2.71 6.18 0.75
C ALA C 52 -3.02 5.49 2.07
N LEU C 53 -2.83 4.17 2.13
CA LEU C 53 -2.98 3.46 3.40
C LEU C 53 -1.80 3.75 4.32
N GLY C 54 -0.58 3.76 3.76
CA GLY C 54 0.58 4.13 4.56
C GLY C 54 0.42 5.50 5.20
N ASP C 55 -0.08 6.46 4.44
CA ASP C 55 -0.21 7.82 4.97
C ASP C 55 -1.28 7.90 6.07
N ALA C 56 -2.36 7.10 5.94
CA ALA C 56 -3.35 7.09 7.01
C ALA C 56 -2.81 6.39 8.26
N LEU C 57 -1.98 5.36 8.08
CA LEU C 57 -1.34 4.71 9.23
C LEU C 57 -0.40 5.67 9.94
N ILE C 58 0.33 6.49 9.17
CA ILE C 58 1.20 7.50 9.77
C ILE C 58 0.37 8.53 10.52
N ALA C 59 -0.72 9.00 9.91
CA ALA C 59 -1.51 10.09 10.49
C ALA C 59 -2.21 9.66 11.77
N GLN C 60 -2.62 8.39 11.86
CA GLN C 60 -3.32 7.97 13.06
C GLN C 60 -2.37 7.69 14.22
N ARG C 61 -1.17 7.18 13.92
CA ARG C 61 -0.14 7.14 14.96
C ARG C 61 0.16 8.54 15.51
N LYS C 62 -0.20 9.57 14.75
CA LYS C 62 -0.22 10.99 15.17
C LYS C 62 1.16 11.61 15.09
N THR D 2 -7.03 -11.01 12.55
CA THR D 2 -6.53 -10.20 11.44
C THR D 2 -5.83 -8.96 12.00
N ASN D 3 -6.23 -8.54 13.20
CA ASN D 3 -5.54 -7.44 13.87
C ASN D 3 -4.08 -7.78 14.12
N THR D 4 -3.83 -8.97 14.67
CA THR D 4 -2.48 -9.44 14.90
C THR D 4 -1.85 -10.02 13.63
N ASP D 5 -2.68 -10.51 12.70
CA ASP D 5 -2.15 -11.00 11.41
C ASP D 5 -1.55 -9.86 10.62
N LEU D 6 -2.28 -8.76 10.49
CA LEU D 6 -1.88 -7.70 9.59
C LEU D 6 -1.00 -6.66 10.25
N LYS D 7 -0.91 -6.64 11.59
CA LYS D 7 -0.13 -5.62 12.26
C LYS D 7 1.31 -5.54 11.76
N PRO D 8 2.06 -6.64 11.68
CA PRO D 8 3.41 -6.53 11.09
C PRO D 8 3.37 -6.06 9.64
N LEU D 9 2.35 -6.47 8.87
CA LEU D 9 2.25 -6.07 7.47
C LEU D 9 1.91 -4.58 7.34
N LEU D 10 1.08 -4.05 8.23
CA LEU D 10 0.80 -2.62 8.21
C LEU D 10 1.99 -1.80 8.71
N ASP D 11 2.71 -2.33 9.71
CA ASP D 11 3.92 -1.67 10.22
C ASP D 11 4.96 -1.52 9.11
N ASN D 12 5.25 -2.60 8.40
CA ASN D 12 6.19 -2.52 7.28
C ASN D 12 5.72 -1.53 6.23
N LEU D 13 4.41 -1.53 5.90
CA LEU D 13 3.92 -0.61 4.88
C LEU D 13 4.02 0.84 5.36
N ARG D 14 3.77 1.08 6.65
CA ARG D 14 3.91 2.42 7.19
C ARG D 14 5.37 2.90 7.19
N ASN D 15 6.31 2.02 7.56
CA ASN D 15 7.73 2.38 7.48
C ASN D 15 8.13 2.64 6.04
N ALA D 16 7.71 1.78 5.12
CA ALA D 16 8.02 1.97 3.70
C ALA D 16 7.45 3.28 3.19
N THR D 17 6.24 3.64 3.62
CA THR D 17 5.63 4.89 3.18
C THR D 17 6.39 6.09 3.74
N GLU D 18 6.72 6.03 5.03
CA GLU D 18 7.47 7.10 5.67
C GLU D 18 8.85 7.26 5.04
N PHE D 19 9.48 6.14 4.65
CA PHE D 19 10.78 6.17 3.97
C PHE D 19 10.64 6.77 2.57
N TRP D 20 9.63 6.30 1.82
CA TRP D 20 9.36 6.87 0.50
C TRP D 20 9.08 8.37 0.59
N ASN D 21 8.24 8.78 1.55
CA ASN D 21 7.89 10.18 1.70
C ASN D 21 9.12 11.06 1.97
N LEU D 22 10.08 10.57 2.76
CA LEU D 22 11.25 11.38 3.08
C LEU D 22 12.22 11.44 1.90
N VAL D 23 12.38 10.34 1.18
CA VAL D 23 13.16 10.37 -0.06
C VAL D 23 12.58 11.41 -1.03
N ALA D 24 11.25 11.45 -1.16
CA ALA D 24 10.64 12.41 -2.07
C ALA D 24 10.76 13.84 -1.55
N ALA D 25 10.68 14.03 -0.24
CA ALA D 25 10.72 15.39 0.30
C ALA D 25 12.10 16.01 0.27
N ALA D 26 13.15 15.24 -0.02
CA ALA D 26 14.49 15.78 -0.20
C ALA D 26 14.85 16.06 -1.65
N SER D 27 14.17 15.41 -2.61
CA SER D 27 14.45 15.61 -4.04
C SER D 27 13.87 16.91 -4.58
N ALA D 28 13.42 17.81 -3.71
CA ALA D 28 12.90 19.10 -4.15
C ALA D 28 13.95 20.19 -3.91
N HIS D 35 17.85 6.37 -9.19
CA HIS D 35 18.51 7.53 -8.61
C HIS D 35 19.37 7.12 -7.41
N ASN D 36 19.03 7.64 -6.23
CA ASN D 36 19.71 7.29 -4.99
C ASN D 36 19.69 5.79 -4.78
N ARG D 37 20.70 5.28 -4.06
CA ARG D 37 20.56 3.94 -3.51
C ARG D 37 19.47 3.92 -2.45
N SER D 38 19.21 5.06 -1.80
CA SER D 38 18.08 5.17 -0.89
C SER D 38 16.76 5.19 -1.65
N TYR D 39 16.70 5.95 -2.76
CA TYR D 39 15.47 5.99 -3.56
C TYR D 39 15.08 4.60 -4.05
N ARG D 40 16.06 3.83 -4.55
CA ARG D 40 15.74 2.50 -5.06
C ARG D 40 15.28 1.59 -3.93
N ASP D 41 15.98 1.62 -2.80
CA ASP D 41 15.60 0.78 -1.69
C ASP D 41 14.23 1.15 -1.14
N ALA D 42 13.93 2.45 -1.08
CA ALA D 42 12.60 2.88 -0.66
C ALA D 42 11.53 2.41 -1.64
N LEU D 43 11.79 2.56 -2.94
CA LEU D 43 10.82 2.10 -3.94
C LEU D 43 10.60 0.60 -3.82
N ASP D 44 11.69 -0.17 -3.73
CA ASP D 44 11.61 -1.62 -3.59
C ASP D 44 10.90 -2.03 -2.30
N TRP D 45 11.14 -1.30 -1.21
CA TRP D 45 10.52 -1.67 0.05
C TRP D 45 9.03 -1.31 0.04
N LEU D 46 8.69 -0.17 -0.56
CA LEU D 46 7.28 0.18 -0.74
C LEU D 46 6.54 -0.90 -1.54
N GLU D 47 7.09 -1.28 -2.70
CA GLU D 47 6.47 -2.34 -3.49
C GLU D 47 6.40 -3.64 -2.72
N SER D 48 7.49 -4.00 -2.05
CA SER D 48 7.54 -5.24 -1.29
C SER D 48 6.45 -5.30 -0.23
N ALA D 49 6.26 -4.21 0.53
CA ALA D 49 5.27 -4.20 1.61
C ALA D 49 3.85 -4.08 1.06
N ALA D 50 3.66 -3.32 -0.01
CA ALA D 50 2.37 -3.28 -0.68
C ALA D 50 1.97 -4.68 -1.14
N LEU D 51 2.89 -5.37 -1.82
CA LEU D 51 2.60 -6.69 -2.36
C LEU D 51 2.33 -7.69 -1.24
N ALA D 52 3.13 -7.63 -0.17
CA ALA D 52 2.96 -8.60 0.89
C ALA D 52 1.64 -8.40 1.60
N LEU D 53 1.27 -7.15 1.87
CA LEU D 53 -0.03 -6.91 2.50
C LEU D 53 -1.17 -7.24 1.52
N GLY D 54 -1.03 -6.84 0.25
CA GLY D 54 -2.08 -7.15 -0.72
C GLY D 54 -2.30 -8.64 -0.92
N ASP D 55 -1.21 -9.41 -1.02
CA ASP D 55 -1.35 -10.86 -1.18
C ASP D 55 -1.94 -11.51 0.08
N ALA D 56 -1.60 -11.00 1.27
CA ALA D 56 -2.18 -11.53 2.49
C ALA D 56 -3.69 -11.27 2.54
N LEU D 57 -4.13 -10.08 2.15
CA LEU D 57 -5.56 -9.81 2.09
C LEU D 57 -6.27 -10.74 1.10
N ILE D 58 -5.59 -11.09 0.00
CA ILE D 58 -6.20 -11.99 -0.98
C ILE D 58 -6.34 -13.39 -0.40
N ALA D 59 -5.32 -13.87 0.32
CA ALA D 59 -5.41 -15.18 0.93
C ALA D 59 -6.41 -15.21 2.09
N GLN D 60 -6.57 -14.08 2.79
CA GLN D 60 -7.54 -14.00 3.88
C GLN D 60 -8.95 -14.31 3.39
N ARG D 61 -9.29 -13.87 2.18
CA ARG D 61 -10.61 -14.14 1.63
C ARG D 61 -10.62 -15.47 0.90
N LYS D 62 -9.81 -16.42 1.36
CA LYS D 62 -9.74 -17.78 0.83
C LYS D 62 -9.51 -17.81 -0.68
N MET E 1 22.97 -18.19 11.11
CA MET E 1 21.99 -19.08 10.51
C MET E 1 21.91 -18.95 8.98
N THR E 2 20.75 -19.33 8.42
CA THR E 2 20.56 -19.35 6.99
C THR E 2 20.39 -17.94 6.44
N ASN E 3 20.83 -17.73 5.19
CA ASN E 3 20.57 -16.45 4.53
C ASN E 3 19.10 -16.29 4.21
N THR E 4 18.40 -17.39 3.92
CA THR E 4 16.98 -17.32 3.58
C THR E 4 16.16 -16.76 4.74
N ASP E 5 16.44 -17.25 5.95
CA ASP E 5 15.74 -16.73 7.13
C ASP E 5 16.15 -15.30 7.45
N LEU E 6 17.39 -14.94 7.14
CA LEU E 6 17.97 -13.68 7.60
C LEU E 6 17.89 -12.57 6.58
N LYS E 7 17.84 -12.90 5.28
CA LYS E 7 17.71 -11.90 4.23
C LYS E 7 16.64 -10.86 4.62
N PRO E 8 15.39 -11.24 4.93
CA PRO E 8 14.40 -10.20 5.27
C PRO E 8 14.70 -9.47 6.58
N LEU E 9 15.29 -10.14 7.56
CA LEU E 9 15.69 -9.42 8.77
C LEU E 9 16.82 -8.44 8.47
N LEU E 10 17.80 -8.83 7.66
CA LEU E 10 18.88 -7.91 7.29
C LEU E 10 18.37 -6.76 6.43
N ASP E 11 17.63 -7.06 5.34
CA ASP E 11 17.04 -6.01 4.50
C ASP E 11 16.25 -5.01 5.34
N ASN E 12 15.45 -5.52 6.29
CA ASN E 12 14.66 -4.64 7.13
C ASN E 12 15.56 -3.72 7.96
N LEU E 13 16.65 -4.26 8.52
CA LEU E 13 17.55 -3.41 9.30
C LEU E 13 18.29 -2.42 8.41
N ARG E 14 18.73 -2.89 7.24
CA ARG E 14 19.38 -1.99 6.31
C ARG E 14 18.47 -0.83 5.92
N ASN E 15 17.20 -1.12 5.61
CA ASN E 15 16.29 -0.05 5.21
C ASN E 15 16.02 0.91 6.37
N ALA E 16 15.84 0.38 7.59
CA ALA E 16 15.69 1.26 8.75
C ALA E 16 16.90 2.16 8.97
N THR E 17 18.11 1.67 8.65
CA THR E 17 19.31 2.48 8.82
C THR E 17 19.40 3.54 7.71
N GLU E 18 19.04 3.17 6.50
CA GLU E 18 18.97 4.15 5.42
C GLU E 18 17.95 5.24 5.75
N PHE E 19 16.82 4.87 6.36
CA PHE E 19 15.83 5.89 6.74
C PHE E 19 16.40 6.79 7.84
N TRP E 20 16.99 6.18 8.86
CA TRP E 20 17.68 6.90 9.93
C TRP E 20 18.73 7.85 9.38
N ASN E 21 19.57 7.38 8.45
CA ASN E 21 20.58 8.25 7.85
C ASN E 21 19.93 9.43 7.15
N LEU E 22 18.79 9.20 6.48
CA LEU E 22 18.07 10.28 5.82
C LEU E 22 17.45 11.23 6.83
N VAL E 23 16.88 10.70 7.91
CA VAL E 23 16.37 11.58 8.96
C VAL E 23 17.50 12.46 9.49
N ALA E 24 18.71 11.90 9.61
CA ALA E 24 19.85 12.67 10.10
C ALA E 24 20.25 13.77 9.12
N ALA E 25 20.30 13.45 7.83
CA ALA E 25 20.60 14.48 6.82
C ALA E 25 19.53 15.57 6.83
N ALA E 26 18.26 15.19 6.90
CA ALA E 26 17.17 16.17 6.87
C ALA E 26 17.19 17.09 8.09
N SER E 27 17.81 16.65 9.19
CA SER E 27 17.77 17.39 10.44
C SER E 27 18.57 18.67 10.39
N ALA E 28 19.44 18.84 9.39
CA ALA E 28 20.13 20.10 9.23
C ALA E 28 19.18 21.25 8.87
N THR E 29 18.01 20.94 8.31
CA THR E 29 17.08 21.96 7.82
C THR E 29 15.64 21.73 8.28
N ASP E 30 15.31 20.57 8.83
CA ASP E 30 13.96 20.32 9.35
C ASP E 30 13.66 21.28 10.51
N GLU E 31 12.41 21.73 10.57
CA GLU E 31 11.93 22.39 11.76
C GLU E 31 11.97 21.42 12.93
N SER E 32 12.25 21.96 14.11
CA SER E 32 12.49 21.11 15.28
C SER E 32 11.32 20.18 15.57
N THR E 33 10.09 20.59 15.19
CA THR E 33 8.92 19.73 15.39
C THR E 33 8.92 18.58 14.40
N VAL E 34 9.31 18.83 13.16
CA VAL E 34 9.39 17.75 12.19
C VAL E 34 10.49 16.77 12.58
N HIS E 35 11.65 17.29 13.00
CA HIS E 35 12.75 16.41 13.34
C HIS E 35 12.40 15.48 14.50
N ASN E 36 11.82 16.03 15.56
CA ASN E 36 11.46 15.21 16.71
C ASN E 36 10.56 14.05 16.30
N ARG E 37 9.59 14.30 15.41
CA ARG E 37 8.71 13.22 14.97
C ARG E 37 9.45 12.21 14.11
N SER E 38 10.22 12.66 13.12
CA SER E 38 10.95 11.73 12.27
C SER E 38 11.95 10.92 13.07
N TYR E 39 12.74 11.59 13.94
CA TYR E 39 13.74 10.88 14.75
C TYR E 39 13.09 9.81 15.62
N ARG E 40 12.01 10.17 16.33
CA ARG E 40 11.26 9.18 17.09
C ARG E 40 10.81 8.02 16.20
N ASP E 41 10.32 8.33 14.99
CA ASP E 41 9.89 7.24 14.10
C ASP E 41 11.07 6.40 13.63
N ALA E 42 12.18 7.06 13.27
CA ALA E 42 13.39 6.33 12.87
C ALA E 42 13.94 5.50 14.02
N LEU E 43 13.91 6.03 15.24
CA LEU E 43 14.42 5.26 16.37
C LEU E 43 13.55 4.04 16.65
N ASP E 44 12.24 4.18 16.52
CA ASP E 44 11.37 3.05 16.78
C ASP E 44 11.51 1.95 15.74
N TRP E 45 11.80 2.32 14.48
CA TRP E 45 12.02 1.31 13.43
C TRP E 45 13.42 0.69 13.54
N LEU E 46 14.45 1.49 13.83
CA LEU E 46 15.77 0.96 14.13
C LEU E 46 15.71 -0.09 15.24
N GLU E 47 15.14 0.28 16.39
CA GLU E 47 15.04 -0.63 17.53
C GLU E 47 14.26 -1.88 17.16
N SER E 48 13.13 -1.70 16.48
CA SER E 48 12.25 -2.83 16.22
C SER E 48 12.90 -3.81 15.24
N ALA E 49 13.69 -3.30 14.31
CA ALA E 49 14.33 -4.18 13.33
C ALA E 49 15.54 -4.86 13.92
N ALA E 50 16.32 -4.12 14.73
CA ALA E 50 17.46 -4.72 15.39
C ALA E 50 17.04 -5.85 16.31
N LEU E 51 15.93 -5.64 17.04
CA LEU E 51 15.47 -6.65 17.99
C LEU E 51 14.94 -7.89 17.27
N ALA E 52 14.20 -7.70 16.17
CA ALA E 52 13.68 -8.85 15.45
C ALA E 52 14.80 -9.75 14.93
N LEU E 53 15.88 -9.15 14.42
CA LEU E 53 17.03 -9.94 13.97
C LEU E 53 17.82 -10.48 15.16
N GLY E 54 17.93 -9.69 16.23
CA GLY E 54 18.60 -10.17 17.41
C GLY E 54 17.87 -11.34 18.05
N ASP E 55 16.54 -11.25 18.16
CA ASP E 55 15.76 -12.33 18.74
C ASP E 55 15.81 -13.59 17.88
N ALA E 56 15.86 -13.43 16.56
CA ALA E 56 16.06 -14.59 15.69
C ALA E 56 17.46 -15.17 15.86
N LEU E 57 18.47 -14.31 16.05
CA LEU E 57 19.83 -14.79 16.31
C LEU E 57 19.90 -15.57 17.61
N ILE E 58 19.16 -15.11 18.62
CA ILE E 58 19.11 -15.81 19.90
C ILE E 58 18.40 -17.14 19.74
N ALA E 59 17.28 -17.15 19.01
CA ALA E 59 16.54 -18.39 18.80
C ALA E 59 17.36 -19.43 18.04
N GLN E 60 18.16 -18.99 17.05
CA GLN E 60 18.91 -19.96 16.25
C GLN E 60 20.04 -20.61 17.03
N ARG E 61 20.64 -19.89 17.98
CA ARG E 61 21.53 -20.55 18.94
C ARG E 61 20.78 -21.53 19.83
N LYS E 62 19.45 -21.54 19.77
CA LYS E 62 18.56 -22.50 20.42
C LYS E 62 18.49 -22.27 21.91
N THR F 2 28.65 -12.35 2.74
CA THR F 2 29.78 -11.88 3.53
C THR F 2 29.69 -12.45 4.96
N ASN F 3 29.88 -13.77 5.06
CA ASN F 3 29.61 -14.49 6.30
C ASN F 3 30.65 -14.20 7.37
N THR F 4 31.93 -14.18 6.97
CA THR F 4 32.99 -13.88 7.92
C THR F 4 32.85 -12.48 8.48
N ASP F 5 32.61 -11.50 7.60
CA ASP F 5 32.62 -10.10 8.02
C ASP F 5 31.42 -9.72 8.86
N LEU F 6 30.32 -10.45 8.76
CA LEU F 6 29.13 -10.07 9.49
C LEU F 6 29.05 -10.68 10.88
N LYS F 7 29.71 -11.82 11.10
CA LYS F 7 29.65 -12.51 12.40
C LYS F 7 29.94 -11.57 13.57
N PRO F 8 31.00 -10.77 13.57
CA PRO F 8 31.17 -9.82 14.70
C PRO F 8 29.99 -8.89 14.86
N LEU F 9 29.52 -8.28 13.77
CA LEU F 9 28.38 -7.36 13.88
C LEU F 9 27.10 -8.09 14.31
N LEU F 10 26.89 -9.30 13.81
CA LEU F 10 25.74 -10.08 14.29
C LEU F 10 25.90 -10.45 15.77
N ASP F 11 27.12 -10.81 16.18
CA ASP F 11 27.38 -11.15 17.58
C ASP F 11 27.07 -9.97 18.51
N ASN F 12 27.57 -8.77 18.17
CA ASN F 12 27.25 -7.60 18.99
C ASN F 12 25.74 -7.37 19.06
N LEU F 13 25.04 -7.49 17.92
CA LEU F 13 23.60 -7.21 17.92
C LEU F 13 22.85 -8.26 18.74
N ARG F 14 23.28 -9.51 18.67
CA ARG F 14 22.67 -10.56 19.49
C ARG F 14 22.91 -10.32 20.98
N ASN F 15 24.12 -9.90 21.36
CA ASN F 15 24.41 -9.59 22.76
C ASN F 15 23.58 -8.40 23.24
N ALA F 16 23.55 -7.34 22.43
CA ALA F 16 22.78 -6.16 22.79
C ALA F 16 21.30 -6.51 22.96
N THR F 17 20.79 -7.39 22.12
CA THR F 17 19.40 -7.82 22.20
C THR F 17 19.14 -8.62 23.46
N GLU F 18 20.02 -9.58 23.75
CA GLU F 18 19.88 -10.37 24.97
C GLU F 18 19.89 -9.47 26.20
N PHE F 19 20.75 -8.46 26.19
CA PHE F 19 20.88 -7.50 27.27
C PHE F 19 19.61 -6.65 27.40
N TRP F 20 19.15 -6.08 26.29
CA TRP F 20 17.93 -5.28 26.29
C TRP F 20 16.73 -6.09 26.76
N ASN F 21 16.62 -7.34 26.28
CA ASN F 21 15.54 -8.21 26.72
C ASN F 21 15.57 -8.45 28.21
N LEU F 22 16.76 -8.65 28.80
CA LEU F 22 16.81 -8.90 30.25
C LEU F 22 16.50 -7.62 31.02
N VAL F 23 16.98 -6.48 30.56
CA VAL F 23 16.65 -5.23 31.25
C VAL F 23 15.13 -5.06 31.28
N ALA F 24 14.46 -5.38 30.17
CA ALA F 24 13.01 -5.19 30.11
C ALA F 24 12.27 -6.20 30.98
N ALA F 25 12.78 -7.43 31.06
CA ALA F 25 12.10 -8.46 31.84
C ALA F 25 12.19 -8.24 33.34
N ALA F 26 13.11 -7.39 33.79
CA ALA F 26 13.18 -7.08 35.22
C ALA F 26 12.27 -5.91 35.60
N SER F 27 12.10 -4.93 34.70
CA SER F 27 11.18 -3.82 34.92
C SER F 27 9.74 -4.18 34.60
N ALA F 28 9.39 -5.45 34.67
CA ALA F 28 8.04 -5.91 34.34
C ALA F 28 7.33 -6.51 35.56
N HIS F 35 16.76 5.74 32.48
CA HIS F 35 16.15 5.23 33.71
C HIS F 35 17.23 4.50 34.51
N ASN F 36 17.10 3.18 34.62
CA ASN F 36 18.15 2.37 35.21
C ASN F 36 19.44 2.54 34.42
N ARG F 37 20.56 2.63 35.14
CA ARG F 37 21.84 2.83 34.47
C ARG F 37 22.18 1.68 33.52
N SER F 38 21.70 0.47 33.80
CA SER F 38 21.85 -0.63 32.86
C SER F 38 20.89 -0.50 31.69
N TYR F 39 19.69 0.06 31.92
CA TYR F 39 18.78 0.36 30.82
C TYR F 39 19.47 1.30 29.81
N ARG F 40 20.08 2.38 30.30
CA ARG F 40 20.72 3.34 29.41
C ARG F 40 21.88 2.72 28.65
N ASP F 41 22.60 1.78 29.26
CA ASP F 41 23.69 1.14 28.53
C ASP F 41 23.18 0.08 27.56
N ALA F 42 22.13 -0.64 27.95
CA ALA F 42 21.53 -1.60 27.03
C ALA F 42 20.94 -0.89 25.82
N LEU F 43 20.29 0.25 26.03
CA LEU F 43 19.69 0.97 24.90
C LEU F 43 20.75 1.55 23.99
N ASP F 44 21.79 2.16 24.57
CA ASP F 44 22.90 2.69 23.79
C ASP F 44 23.63 1.59 23.02
N TRP F 45 23.78 0.42 23.66
CA TRP F 45 24.47 -0.68 22.99
C TRP F 45 23.61 -1.27 21.90
N LEU F 46 22.30 -1.29 22.09
CA LEU F 46 21.41 -1.76 21.04
C LEU F 46 21.43 -0.81 19.84
N GLU F 47 21.30 0.49 20.08
CA GLU F 47 21.40 1.45 18.97
C GLU F 47 22.74 1.34 18.28
N SER F 48 23.81 1.24 19.05
CA SER F 48 25.15 1.23 18.48
C SER F 48 25.38 0.00 17.58
N ALA F 49 24.92 -1.17 18.02
CA ALA F 49 25.07 -2.38 17.23
C ALA F 49 24.11 -2.44 16.04
N ALA F 50 22.89 -1.95 16.21
CA ALA F 50 21.97 -1.85 15.09
C ALA F 50 22.56 -0.97 13.98
N LEU F 51 23.04 0.23 14.35
CA LEU F 51 23.60 1.16 13.39
C LEU F 51 24.86 0.62 12.74
N ALA F 52 25.72 -0.05 13.52
CA ALA F 52 26.96 -0.58 12.93
C ALA F 52 26.63 -1.66 11.91
N LEU F 53 25.66 -2.52 12.19
CA LEU F 53 25.32 -3.56 11.23
C LEU F 53 24.54 -2.97 10.05
N GLY F 54 23.66 -2.01 10.32
CA GLY F 54 22.95 -1.36 9.22
C GLY F 54 23.88 -0.63 8.28
N ASP F 55 24.80 0.17 8.83
CA ASP F 55 25.73 0.91 7.99
C ASP F 55 26.66 -0.01 7.21
N ALA F 56 27.05 -1.15 7.80
CA ALA F 56 27.88 -2.11 7.07
C ALA F 56 27.09 -2.77 5.94
N LEU F 57 25.82 -3.06 6.18
CA LEU F 57 24.98 -3.58 5.10
C LEU F 57 24.83 -2.56 3.97
N ILE F 58 24.70 -1.28 4.31
CA ILE F 58 24.67 -0.23 3.29
C ILE F 58 26.00 -0.18 2.53
N ALA F 59 27.12 -0.37 3.24
CA ALA F 59 28.41 -0.26 2.58
C ALA F 59 28.70 -1.44 1.65
N GLN F 60 28.21 -2.64 1.98
CA GLN F 60 28.41 -3.82 1.15
C GLN F 60 27.51 -3.86 -0.06
N ARG F 61 26.94 -2.73 -0.47
CA ARG F 61 26.08 -2.68 -1.65
C ARG F 61 26.69 -1.73 -2.67
N LYS F 62 27.78 -2.19 -3.29
CA LYS F 62 28.50 -1.46 -4.32
C LYS F 62 28.70 -2.35 -5.54
#